data_5G2V
#
_entry.id   5G2V
#
_cell.length_a   71.218
_cell.length_b   74.550
_cell.length_c   95.005
_cell.angle_alpha   90.00
_cell.angle_beta   90.00
_cell.angle_gamma   90.00
#
_symmetry.space_group_name_H-M   'P 21 21 21'
#
loop_
_entity.id
_entity.type
_entity.pdbx_description
1 polymer N-ACETYLGLUCOSAMINE-6-SULFATASE
2 non-polymer 'CALCIUM ION'
3 non-polymer 2-deoxy-6-O-sulfo-2-(sulfoamino)-alpha-D-glucopyranose
4 non-polymer 'NITRATE ION'
5 water water
#
_entity_poly.entity_id   1
_entity_poly.type   'polypeptide(L)'
_entity_poly.pdbx_seq_one_letter_code
;MGSSHHHHHHSSGPQQGLRQPQKEETKRPNIIFMMTDDHTTQAMSCYGGNLIQTPNMDRIANEGIRFDNCYAVNALSGPS
RACILTGKFSHENGFTDNASTFNGDQQTFPKLLQQAGYQTAMIGKWHLISEPQGFDHWSILSGQHEQGDYYDPDFWEDGK
HIVEKGYATDIITDKAINFLENRDKNKPFCMMYHQKAPHRNWMPAPRHLGIFNNTIFPEPANLFDDYEGRGKAAREQDMS
IEHTLTNDWDLKLLTREEMLKDTTNRLYSVYKRMPSEVQDKWDSAYAQRIAEYRKGDLKGKALISWKYQQYMRDYLATVL
AVDENIGRLLNYLEKIGELDNTIIVYTSDQGFFLGEHGWFDKRFMYEECQRMPLIIRYPKAIKAGSTSSAISMNVDFAPT
FLDFAGVEVPSDIQGASLKPVLENEGKTPADWRKAAYYHYYEYPAEHSVKRHYGIRTQDFKLIHFYNDIDEWEMYDMKAD
PREMNNIFGKAEYAKKQKELMQLLEETQKQYKDNDPDEKETVLFKGDRRLMENR
;
_entity_poly.pdbx_strand_id   A
#
loop_
_chem_comp.id
_chem_comp.type
_chem_comp.name
_chem_comp.formula
CA non-polymer 'CALCIUM ION' 'Ca 2'
NO3 non-polymer 'NITRATE ION' 'N O3 -1'
SGN D-saccharide, alpha linking 2-deoxy-6-O-sulfo-2-(sulfoamino)-alpha-D-glucopyranose 'C6 H13 N O11 S2'
#
# COMPACT_ATOMS: atom_id res chain seq x y z
N LYS A 27 -14.93 -14.48 24.21
CA LYS A 27 -14.13 -13.34 24.76
C LYS A 27 -12.99 -12.89 23.82
N ARG A 28 -12.42 -13.78 23.01
CA ARG A 28 -11.30 -13.43 22.11
C ARG A 28 -11.83 -12.58 20.96
N PRO A 29 -11.09 -11.54 20.57
CA PRO A 29 -11.63 -10.63 19.57
C PRO A 29 -11.54 -11.20 18.17
N ASN A 30 -12.51 -10.80 17.33
CA ASN A 30 -12.36 -11.05 15.89
C ASN A 30 -11.34 -10.05 15.33
N ILE A 31 -10.90 -10.29 14.09
CA ILE A 31 -9.96 -9.39 13.41
C ILE A 31 -10.45 -9.20 11.99
N ILE A 32 -10.50 -7.94 11.54
CA ILE A 32 -10.62 -7.67 10.11
CA ILE A 32 -10.66 -7.62 10.12
C ILE A 32 -9.47 -6.75 9.72
N PHE A 33 -8.65 -7.28 8.83
CA PHE A 33 -7.47 -6.59 8.33
C PHE A 33 -7.78 -6.11 6.93
N MET A 34 -7.97 -4.80 6.78
CA MET A 34 -8.37 -4.19 5.51
C MET A 34 -7.16 -3.50 4.91
N MET A 35 -6.81 -3.88 3.68
CA MET A 35 -5.61 -3.33 3.06
C MET A 35 -5.84 -3.06 1.59
N THR A 36 -5.55 -1.82 1.18
CA THR A 36 -5.57 -1.44 -0.21
C THR A 36 -4.21 -1.65 -0.88
N ASP A 37 -4.22 -1.42 -2.20
CA ASP A 37 -3.05 -1.57 -3.06
C ASP A 37 -2.75 -0.18 -3.61
N ASP A 38 -1.67 0.44 -3.11
CA ASP A 38 -1.20 1.73 -3.60
C ASP A 38 -2.04 2.92 -3.15
N HIS A 39 -2.81 2.77 -2.05
CA HIS A 39 -3.31 3.96 -1.37
C HIS A 39 -2.17 4.62 -0.62
N THR A 40 -2.39 5.79 -0.01
CA THR A 40 -1.32 6.54 0.60
C THR A 40 -1.89 7.59 1.53
N THR A 41 -1.07 8.04 2.47
CA THR A 41 -1.54 8.96 3.50
C THR A 41 -2.00 10.32 2.93
N GLN A 42 -1.40 10.79 1.84
CA GLN A 42 -1.80 12.06 1.26
C GLN A 42 -3.26 12.04 0.82
N ALA A 43 -3.77 10.85 0.50
CA ALA A 43 -5.14 10.69 0.00
C ALA A 43 -6.08 10.20 1.10
N MET A 44 -5.84 10.66 2.34
CA MET A 44 -6.68 10.37 3.51
C MET A 44 -6.83 11.62 4.32
N SER A 45 -8.07 12.02 4.60
CA SER A 45 -8.28 13.25 5.35
C SER A 45 -7.83 13.14 6.80
N CYS A 46 -7.88 11.95 7.41
CA CYS A 46 -7.37 11.80 8.80
C CYS A 46 -5.86 12.05 8.91
N TYR A 47 -5.12 11.97 7.80
CA TYR A 47 -3.71 12.29 7.78
C TYR A 47 -3.45 13.74 7.39
N GLY A 48 -4.51 14.57 7.37
CA GLY A 48 -4.37 16.00 7.00
C GLY A 48 -4.31 16.25 5.50
N GLY A 49 -4.63 15.25 4.68
CA GLY A 49 -4.63 15.44 3.25
C GLY A 49 -5.75 16.40 2.86
N ASN A 50 -5.51 17.16 1.79
N ASN A 50 -5.52 17.21 1.84
CA ASN A 50 -6.44 18.16 1.24
CA ASN A 50 -6.54 18.12 1.28
C ASN A 50 -7.20 17.66 0.01
C ASN A 50 -6.72 17.84 -0.21
N LEU A 51 -6.72 16.57 -0.56
CA LEU A 51 -7.13 16.10 -1.88
C LEU A 51 -8.54 15.54 -1.86
N ILE A 52 -8.85 14.73 -0.86
CA ILE A 52 -10.11 14.00 -0.77
C ILE A 52 -10.48 13.76 0.68
N GLN A 53 -11.78 13.84 0.98
CA GLN A 53 -12.31 13.40 2.27
C GLN A 53 -12.59 11.90 2.20
N THR A 54 -12.13 11.20 3.23
CA THR A 54 -12.28 9.75 3.37
C THR A 54 -13.03 9.46 4.67
N PRO A 55 -14.36 9.65 4.68
CA PRO A 55 -15.08 9.63 5.96
C PRO A 55 -15.08 8.31 6.71
N ASN A 56 -15.12 7.19 5.99
CA ASN A 56 -15.15 5.90 6.68
C ASN A 56 -13.81 5.47 7.24
N MET A 57 -12.75 5.72 6.47
CA MET A 57 -11.41 5.58 7.05
C MET A 57 -11.28 6.49 8.25
N ASP A 58 -11.73 7.74 8.12
CA ASP A 58 -11.61 8.67 9.24
C ASP A 58 -12.37 8.21 10.47
N ARG A 59 -13.50 7.54 10.29
CA ARG A 59 -14.23 6.94 11.44
C ARG A 59 -13.35 6.00 12.23
N ILE A 60 -12.59 5.15 11.54
CA ILE A 60 -11.71 4.21 12.20
C ILE A 60 -10.69 4.96 13.06
N ALA A 61 -10.10 6.02 12.50
CA ALA A 61 -9.15 6.84 13.24
C ALA A 61 -9.80 7.59 14.40
N ASN A 62 -10.95 8.19 14.15
CA ASN A 62 -11.59 9.00 15.19
C ASN A 62 -12.12 8.16 16.34
N GLU A 63 -12.48 6.92 16.07
CA GLU A 63 -12.94 5.97 17.08
C GLU A 63 -11.82 5.09 17.62
N GLY A 64 -10.59 5.33 17.16
CA GLY A 64 -9.44 4.47 17.42
C GLY A 64 -8.16 5.30 17.43
N ILE A 65 -7.13 4.76 16.77
CA ILE A 65 -5.80 5.33 16.81
C ILE A 65 -5.26 5.51 15.39
N ARG A 66 -4.50 6.58 15.19
CA ARG A 66 -3.77 6.84 13.95
C ARG A 66 -2.28 6.79 14.21
N PHE A 67 -1.59 5.90 13.48
CA PHE A 67 -0.11 5.83 13.53
C PHE A 67 0.51 6.76 12.50
N ASP A 68 1.40 7.65 12.94
CA ASP A 68 2.07 8.60 12.06
C ASP A 68 3.43 8.15 11.54
N ASN A 69 3.91 7.00 12.02
CA ASN A 69 5.26 6.52 11.71
C ASN A 69 5.29 5.00 11.54
N CYS A 70 4.38 4.47 10.69
CA CYS A 70 4.40 3.06 10.34
C CYS A 70 4.95 2.92 8.92
N TYR A 71 5.88 1.98 8.74
CA TYR A 71 6.62 1.87 7.47
C TYR A 71 6.59 0.44 6.93
N ALA A 72 6.50 0.34 5.60
CA ALA A 72 6.80 -0.90 4.91
C ALA A 72 8.31 -1.13 4.95
N VAL A 73 8.71 -2.40 5.06
CA VAL A 73 10.16 -2.74 5.09
C VAL A 73 10.75 -3.05 3.70
N ASN A 74 9.91 -3.03 2.67
CA ASN A 74 10.24 -3.27 1.27
C ASN A 74 8.98 -2.83 0.53
N ALA A 75 9.01 -1.68 -0.13
CA ALA A 75 7.78 -1.01 -0.59
C ALA A 75 7.34 -1.50 -1.97
N LEU A 76 6.84 -2.74 -1.96
CA LEU A 76 6.33 -3.38 -3.14
CA LEU A 76 6.25 -3.41 -3.15
C LEU A 76 5.23 -4.36 -2.64
N SER A 77 4.22 -4.63 -3.46
CA SER A 77 3.03 -5.39 -3.05
C SER A 77 3.32 -6.78 -2.52
N GLY A 78 3.94 -7.61 -3.34
CA GLY A 78 4.19 -8.99 -2.93
C GLY A 78 5.05 -9.05 -1.67
N PRO A 79 6.18 -8.35 -1.67
CA PRO A 79 7.01 -8.35 -0.48
C PRO A 79 6.27 -7.87 0.77
N SER A 80 5.45 -6.81 0.66
CA SER A 80 4.73 -6.30 1.80
C SER A 80 3.74 -7.34 2.34
N ARG A 81 3.02 -7.98 1.43
CA ARG A 81 2.05 -9.01 1.80
C ARG A 81 2.75 -10.20 2.50
N ALA A 82 3.93 -10.59 2.02
CA ALA A 82 4.70 -11.64 2.69
C ALA A 82 5.18 -11.23 4.07
N CYS A 83 5.65 -9.97 4.20
CA CYS A 83 6.05 -9.43 5.52
C CYS A 83 4.88 -9.42 6.49
N ILE A 84 3.70 -9.04 6.00
CA ILE A 84 2.53 -8.96 6.85
C ILE A 84 2.15 -10.34 7.38
N LEU A 85 2.11 -11.34 6.50
CA LEU A 85 1.72 -12.69 6.94
C LEU A 85 2.71 -13.29 7.94
N THR A 86 4.00 -13.00 7.76
CA THR A 86 5.04 -13.73 8.49
C THR A 86 5.60 -12.98 9.67
N GLY A 87 5.47 -11.65 9.71
CA GLY A 87 6.18 -10.88 10.71
C GLY A 87 7.70 -10.87 10.51
N LYS A 88 8.15 -11.14 9.29
CA LYS A 88 9.57 -11.25 8.97
C LYS A 88 9.96 -10.34 7.82
N PHE A 89 11.21 -9.91 7.83
CA PHE A 89 11.81 -9.14 6.72
C PHE A 89 11.96 -10.03 5.49
N SER A 90 12.09 -9.40 4.32
CA SER A 90 12.12 -10.15 3.05
C SER A 90 13.24 -11.18 2.95
N HIS A 91 14.40 -10.87 3.53
CA HIS A 91 15.53 -11.82 3.46
C HIS A 91 15.30 -13.08 4.30
N GLU A 92 14.31 -13.06 5.21
CA GLU A 92 13.90 -14.24 5.98
C GLU A 92 12.71 -14.96 5.42
N ASN A 93 11.74 -14.24 4.87
CA ASN A 93 10.52 -14.87 4.34
C ASN A 93 10.62 -15.35 2.89
N GLY A 94 11.72 -14.99 2.22
CA GLY A 94 12.03 -15.49 0.89
C GLY A 94 11.49 -14.66 -0.25
N PHE A 95 10.65 -13.69 0.03
CA PHE A 95 9.85 -13.02 -1.00
C PHE A 95 10.35 -11.60 -1.15
N THR A 96 11.39 -11.43 -1.97
CA THR A 96 12.11 -10.16 -2.07
C THR A 96 11.59 -9.22 -3.17
N ASP A 97 10.85 -9.72 -4.14
CA ASP A 97 10.41 -8.92 -5.28
C ASP A 97 9.10 -9.47 -5.81
N ASN A 98 8.54 -8.87 -6.86
CA ASN A 98 7.31 -9.35 -7.46
C ASN A 98 7.57 -10.44 -8.52
N ALA A 99 8.72 -11.07 -8.49
CA ALA A 99 9.02 -12.25 -9.33
C ALA A 99 9.26 -13.47 -8.45
N SER A 100 8.92 -13.39 -7.17
CA SER A 100 9.05 -14.48 -6.20
C SER A 100 7.76 -15.32 -6.11
N THR A 101 7.87 -16.54 -5.57
CA THR A 101 6.75 -17.39 -5.22
C THR A 101 6.83 -17.64 -3.73
N PHE A 102 5.76 -17.39 -3.01
CA PHE A 102 5.79 -17.49 -1.56
C PHE A 102 5.84 -18.96 -1.14
N ASN A 103 6.78 -19.29 -0.25
CA ASN A 103 6.81 -20.65 0.29
C ASN A 103 5.69 -20.76 1.31
N GLY A 104 4.56 -21.35 0.90
CA GLY A 104 3.38 -21.40 1.75
C GLY A 104 3.52 -22.35 2.93
N ASP A 105 4.55 -23.18 2.93
CA ASP A 105 4.79 -24.06 4.08
C ASP A 105 5.34 -23.35 5.29
N GLN A 106 5.84 -22.12 5.13
CA GLN A 106 6.36 -21.37 6.28
C GLN A 106 5.24 -20.89 7.21
N GLN A 107 5.64 -20.53 8.41
CA GLN A 107 4.74 -20.04 9.43
C GLN A 107 4.13 -18.70 9.02
N THR A 108 2.82 -18.58 9.21
CA THR A 108 2.11 -17.31 9.01
C THR A 108 1.09 -17.15 10.12
N PHE A 109 0.71 -15.91 10.39
CA PHE A 109 -0.26 -15.67 11.49
C PHE A 109 -1.63 -16.34 11.27
N PRO A 110 -2.16 -16.37 10.02
CA PRO A 110 -3.45 -17.06 9.87
C PRO A 110 -3.35 -18.54 10.24
N LYS A 111 -2.25 -19.23 9.91
CA LYS A 111 -2.12 -20.65 10.33
C LYS A 111 -2.15 -20.77 11.83
N LEU A 112 -1.43 -19.91 12.52
CA LEU A 112 -1.40 -19.96 13.97
C LEU A 112 -2.76 -19.67 14.58
N LEU A 113 -3.50 -18.72 13.99
CA LEU A 113 -4.83 -18.40 14.51
C LEU A 113 -5.80 -19.55 14.30
N GLN A 114 -5.69 -20.18 13.13
N GLN A 114 -5.74 -20.22 13.16
CA GLN A 114 -6.50 -21.35 12.76
CA GLN A 114 -6.56 -21.42 12.97
C GLN A 114 -6.25 -22.54 13.73
C GLN A 114 -6.30 -22.42 14.04
N GLN A 115 -5.02 -22.71 14.24
CA GLN A 115 -4.66 -23.71 15.27
C GLN A 115 -5.25 -23.35 16.63
N ALA A 116 -5.41 -22.05 16.91
CA ALA A 116 -5.99 -21.53 18.11
C ALA A 116 -7.53 -21.49 18.12
N GLY A 117 -8.18 -21.92 17.06
CA GLY A 117 -9.63 -21.95 17.02
C GLY A 117 -10.32 -20.82 16.28
N TYR A 118 -9.55 -19.96 15.60
CA TYR A 118 -10.16 -18.96 14.71
C TYR A 118 -10.56 -19.56 13.38
N GLN A 119 -11.65 -19.07 12.80
N GLN A 119 -11.63 -19.00 12.80
CA GLN A 119 -11.91 -19.31 11.40
CA GLN A 119 -11.99 -19.24 11.41
C GLN A 119 -11.22 -18.16 10.67
C GLN A 119 -11.39 -18.12 10.54
N THR A 120 -10.56 -18.51 9.57
CA THR A 120 -9.76 -17.53 8.82
C THR A 120 -10.22 -17.43 7.37
N ALA A 121 -10.11 -16.21 6.82
CA ALA A 121 -10.50 -15.96 5.44
C ALA A 121 -9.54 -14.99 4.77
N MET A 122 -9.32 -15.22 3.47
CA MET A 122 -8.50 -14.34 2.62
C MET A 122 -9.32 -14.00 1.39
N ILE A 123 -9.62 -12.71 1.20
CA ILE A 123 -10.49 -12.27 0.11
CA ILE A 123 -10.48 -12.26 0.09
C ILE A 123 -9.84 -11.09 -0.62
N GLY A 124 -9.60 -11.26 -1.92
CA GLY A 124 -9.10 -10.17 -2.76
C GLY A 124 -7.71 -10.40 -3.30
N LYS A 125 -6.87 -9.35 -3.25
CA LYS A 125 -5.54 -9.42 -3.85
C LYS A 125 -4.60 -10.22 -2.95
N TRP A 126 -4.10 -11.33 -3.49
CA TRP A 126 -3.15 -12.21 -2.80
C TRP A 126 -1.72 -11.87 -3.24
N HIS A 127 -1.43 -12.03 -4.52
CA HIS A 127 -0.18 -11.62 -5.16
C HIS A 127 1.04 -12.35 -4.62
N LEU A 128 0.83 -13.54 -4.07
CA LEU A 128 1.93 -14.37 -3.53
C LEU A 128 2.15 -15.67 -4.32
N ILE A 129 1.28 -15.92 -5.31
CA ILE A 129 1.46 -16.93 -6.36
C ILE A 129 1.07 -18.35 -5.92
N SER A 130 1.62 -18.80 -4.82
CA SER A 130 1.30 -20.14 -4.32
C SER A 130 -0.10 -20.20 -3.73
N GLU A 131 -0.67 -21.41 -3.68
CA GLU A 131 -2.00 -21.58 -3.12
C GLU A 131 -2.03 -21.15 -1.65
N PRO A 132 -3.00 -20.33 -1.24
CA PRO A 132 -3.07 -19.93 0.16
C PRO A 132 -3.15 -21.10 1.12
N GLN A 133 -2.41 -21.01 2.23
CA GLN A 133 -2.51 -21.98 3.35
C GLN A 133 -2.93 -21.22 4.59
N GLY A 134 -3.60 -21.92 5.51
CA GLY A 134 -4.03 -21.32 6.77
C GLY A 134 -5.36 -20.59 6.74
N PHE A 135 -6.09 -20.72 5.64
CA PHE A 135 -7.38 -20.06 5.45
C PHE A 135 -8.49 -21.07 5.27
N ASP A 136 -9.49 -21.00 6.14
CA ASP A 136 -10.68 -21.86 5.98
C ASP A 136 -11.36 -21.62 4.64
N HIS A 137 -11.38 -20.35 4.23
N HIS A 137 -11.42 -20.35 4.23
CA HIS A 137 -11.98 -19.90 2.98
CA HIS A 137 -11.91 -20.01 2.90
C HIS A 137 -11.06 -18.88 2.31
C HIS A 137 -11.06 -18.91 2.30
N TRP A 138 -10.82 -19.02 1.00
CA TRP A 138 -10.05 -18.01 0.28
C TRP A 138 -10.59 -17.82 -1.11
N SER A 139 -10.60 -16.55 -1.52
CA SER A 139 -11.05 -16.18 -2.85
C SER A 139 -10.13 -15.05 -3.31
N ILE A 140 -9.25 -15.37 -4.26
CA ILE A 140 -8.16 -14.43 -4.59
C ILE A 140 -8.19 -14.05 -6.07
N LEU A 141 -7.86 -12.80 -6.34
CA LEU A 141 -7.83 -12.30 -7.71
C LEU A 141 -6.79 -13.05 -8.52
N SER A 142 -7.18 -13.57 -9.69
CA SER A 142 -6.27 -14.36 -10.53
C SER A 142 -5.91 -13.71 -11.85
N GLY A 143 -6.64 -12.72 -12.30
CA GLY A 143 -6.30 -12.06 -13.54
C GLY A 143 -5.04 -11.23 -13.44
N GLN A 144 -4.49 -10.84 -14.58
CA GLN A 144 -3.29 -10.00 -14.66
C GLN A 144 -2.19 -10.52 -13.72
N HIS A 145 -1.93 -11.83 -13.76
CA HIS A 145 -0.84 -12.41 -12.96
C HIS A 145 -0.99 -12.04 -11.47
N GLU A 146 -2.22 -12.18 -10.99
CA GLU A 146 -2.62 -11.93 -9.60
C GLU A 146 -2.72 -10.44 -9.22
N GLN A 147 -2.53 -9.53 -10.19
CA GLN A 147 -2.91 -8.13 -9.94
C GLN A 147 -4.44 -7.92 -9.90
N GLY A 148 -5.15 -8.78 -10.59
CA GLY A 148 -6.57 -8.65 -10.74
C GLY A 148 -6.99 -7.70 -11.84
N ASP A 149 -8.26 -7.83 -12.23
CA ASP A 149 -8.94 -6.85 -13.07
C ASP A 149 -9.95 -6.04 -12.29
N TYR A 150 -10.15 -4.77 -12.72
CA TYR A 150 -11.18 -3.92 -12.14
C TYR A 150 -12.60 -4.38 -12.49
N TYR A 151 -12.83 -4.87 -13.71
CA TYR A 151 -14.18 -5.28 -14.14
C TYR A 151 -14.21 -6.76 -14.47
N ASP A 152 -15.34 -7.39 -14.06
CA ASP A 152 -15.57 -8.82 -14.23
C ASP A 152 -14.36 -9.64 -13.82
N PRO A 153 -13.84 -9.40 -12.61
CA PRO A 153 -12.63 -10.09 -12.21
C PRO A 153 -12.76 -11.61 -12.10
N ASP A 154 -11.71 -12.29 -12.56
CA ASP A 154 -11.46 -13.70 -12.27
C ASP A 154 -10.98 -13.91 -10.84
N PHE A 155 -11.45 -14.97 -10.19
CA PHE A 155 -10.98 -15.38 -8.89
C PHE A 155 -10.59 -16.85 -8.92
N TRP A 156 -9.63 -17.19 -8.08
CA TRP A 156 -9.30 -18.57 -7.69
C TRP A 156 -9.88 -18.70 -6.29
N GLU A 157 -10.88 -19.58 -6.10
CA GLU A 157 -11.66 -19.61 -4.88
C GLU A 157 -11.78 -21.04 -4.37
N ASP A 158 -11.15 -21.32 -3.22
CA ASP A 158 -11.16 -22.65 -2.62
C ASP A 158 -10.88 -23.72 -3.69
N GLY A 159 -9.90 -23.47 -4.55
CA GLY A 159 -9.41 -24.46 -5.52
C GLY A 159 -10.01 -24.37 -6.92
N LYS A 160 -11.04 -23.54 -7.10
CA LYS A 160 -11.74 -23.44 -8.38
C LYS A 160 -11.68 -22.04 -8.98
N HIS A 161 -11.71 -21.97 -10.31
N HIS A 161 -11.84 -21.96 -10.29
CA HIS A 161 -11.77 -20.69 -11.05
CA HIS A 161 -11.70 -20.69 -10.99
C HIS A 161 -13.19 -20.25 -11.20
C HIS A 161 -13.07 -20.18 -11.39
N ILE A 162 -13.46 -19.00 -10.87
CA ILE A 162 -14.75 -18.39 -11.12
C ILE A 162 -14.58 -17.00 -11.76
N VAL A 163 -15.66 -16.50 -12.34
CA VAL A 163 -15.74 -15.11 -12.82
C VAL A 163 -16.85 -14.44 -12.04
N GLU A 164 -16.54 -13.29 -11.43
CA GLU A 164 -17.52 -12.48 -10.73
C GLU A 164 -17.87 -11.28 -11.57
N LYS A 165 -19.15 -11.14 -11.92
CA LYS A 165 -19.60 -9.98 -12.65
C LYS A 165 -19.64 -8.75 -11.78
N GLY A 166 -19.16 -7.62 -12.31
CA GLY A 166 -19.24 -6.36 -11.62
C GLY A 166 -17.90 -5.66 -11.49
N TYR A 167 -17.80 -4.80 -10.48
CA TYR A 167 -16.62 -3.97 -10.25
C TYR A 167 -15.90 -4.46 -9.02
N ALA A 168 -14.58 -4.67 -9.14
CA ALA A 168 -13.80 -5.37 -8.11
C ALA A 168 -13.94 -4.83 -6.72
N THR A 169 -13.93 -3.51 -6.56
CA THR A 169 -13.94 -2.93 -5.22
C THR A 169 -15.22 -3.29 -4.49
N ASP A 170 -16.34 -3.29 -5.23
CA ASP A 170 -17.64 -3.66 -4.68
C ASP A 170 -17.73 -5.18 -4.46
N ILE A 171 -17.27 -5.96 -5.44
CA ILE A 171 -17.34 -7.43 -5.35
C ILE A 171 -16.59 -7.96 -4.14
N ILE A 172 -15.38 -7.44 -3.93
CA ILE A 172 -14.55 -7.94 -2.83
C ILE A 172 -15.26 -7.72 -1.48
N THR A 173 -15.96 -6.60 -1.35
CA THR A 173 -16.72 -6.30 -0.15
C THR A 173 -17.92 -7.23 0.00
N ASP A 174 -18.64 -7.49 -1.10
CA ASP A 174 -19.74 -8.43 -1.02
C ASP A 174 -19.30 -9.83 -0.64
N LYS A 175 -18.14 -10.26 -1.14
CA LYS A 175 -17.58 -11.56 -0.76
C LYS A 175 -17.19 -11.59 0.71
N ALA A 176 -16.65 -10.51 1.21
CA ALA A 176 -16.33 -10.41 2.62
C ALA A 176 -17.57 -10.52 3.50
N ILE A 177 -18.61 -9.77 3.15
CA ILE A 177 -19.87 -9.81 3.89
C ILE A 177 -20.48 -11.21 3.81
N ASN A 178 -20.44 -11.82 2.65
CA ASN A 178 -20.99 -13.18 2.50
C ASN A 178 -20.26 -14.19 3.38
N PHE A 179 -18.92 -14.09 3.45
CA PHE A 179 -18.14 -14.93 4.36
C PHE A 179 -18.64 -14.76 5.78
N LEU A 180 -18.75 -13.52 6.24
CA LEU A 180 -19.17 -13.26 7.61
C LEU A 180 -20.59 -13.77 7.86
N GLU A 181 -21.49 -13.60 6.91
CA GLU A 181 -22.88 -14.04 7.10
C GLU A 181 -22.93 -15.54 7.30
N ASN A 182 -22.06 -16.27 6.62
CA ASN A 182 -22.09 -17.73 6.59
C ASN A 182 -21.08 -18.40 7.52
N ARG A 183 -20.43 -17.62 8.38
CA ARG A 183 -19.37 -18.12 9.24
C ARG A 183 -19.90 -19.03 10.34
N ASP A 184 -19.01 -19.82 10.89
CA ASP A 184 -19.23 -20.50 12.14
C ASP A 184 -19.28 -19.48 13.29
N LYS A 185 -20.47 -19.14 13.77
CA LYS A 185 -20.61 -18.07 14.77
C LYS A 185 -20.15 -18.45 16.18
N ASN A 186 -19.77 -19.71 16.37
CA ASN A 186 -19.12 -20.12 17.61
C ASN A 186 -17.61 -20.02 17.63
N LYS A 187 -17.01 -19.54 16.54
CA LYS A 187 -15.55 -19.34 16.49
C LYS A 187 -15.30 -17.85 16.20
N PRO A 188 -14.29 -17.25 16.82
CA PRO A 188 -13.90 -15.91 16.36
C PRO A 188 -13.36 -15.99 14.94
N PHE A 189 -13.48 -14.88 14.21
CA PHE A 189 -12.99 -14.82 12.84
C PHE A 189 -11.77 -13.92 12.68
N CYS A 190 -10.95 -14.24 11.67
CA CYS A 190 -9.90 -13.33 11.22
C CYS A 190 -10.00 -13.30 9.69
N MET A 191 -10.36 -12.13 9.17
CA MET A 191 -10.50 -11.94 7.74
C MET A 191 -9.50 -10.92 7.21
N MET A 192 -8.77 -11.32 6.17
CA MET A 192 -7.91 -10.39 5.42
C MET A 192 -8.69 -10.00 4.17
N TYR A 193 -8.91 -8.69 4.05
CA TYR A 193 -9.75 -8.06 3.03
C TYR A 193 -8.82 -7.15 2.24
N HIS A 194 -8.47 -7.60 1.04
CA HIS A 194 -7.38 -6.97 0.27
C HIS A 194 -7.91 -6.44 -1.06
N GLN A 195 -8.03 -5.13 -1.15
CA GLN A 195 -8.53 -4.50 -2.39
C GLN A 195 -7.47 -4.40 -3.48
N LYS A 196 -7.91 -4.41 -4.73
CA LYS A 196 -7.07 -4.02 -5.89
C LYS A 196 -6.88 -2.51 -5.97
N ALA A 197 -7.93 -1.76 -5.68
CA ALA A 197 -7.87 -0.30 -5.77
C ALA A 197 -6.97 0.27 -4.68
N PRO A 198 -6.31 1.41 -4.91
CA PRO A 198 -6.21 2.17 -6.18
C PRO A 198 -4.95 1.88 -7.00
N HIS A 199 -4.75 0.65 -7.42
CA HIS A 199 -3.61 0.31 -8.28
C HIS A 199 -3.80 0.78 -9.72
N ARG A 200 -2.68 1.00 -10.40
CA ARG A 200 -2.67 1.31 -11.84
C ARG A 200 -3.48 0.27 -12.61
N ASN A 201 -4.32 0.65 -13.57
CA ASN A 201 -4.41 1.94 -14.23
C ASN A 201 -5.62 2.77 -13.78
N TRP A 202 -6.08 2.59 -12.54
CA TRP A 202 -6.99 3.56 -11.92
C TRP A 202 -8.29 3.71 -12.70
N MET A 203 -9.01 2.59 -12.85
CA MET A 203 -10.34 2.56 -13.48
C MET A 203 -11.37 2.70 -12.39
N PRO A 204 -12.12 3.82 -12.34
CA PRO A 204 -13.10 4.01 -11.29
C PRO A 204 -14.33 3.13 -11.47
N ALA A 205 -15.12 3.06 -10.41
CA ALA A 205 -16.43 2.42 -10.45
C ALA A 205 -17.34 3.19 -11.41
N PRO A 206 -18.36 2.50 -11.95
CA PRO A 206 -19.24 3.20 -12.88
C PRO A 206 -19.83 4.50 -12.34
N ARG A 207 -20.28 4.46 -11.10
CA ARG A 207 -20.88 5.65 -10.46
C ARG A 207 -19.92 6.83 -10.29
N HIS A 208 -18.61 6.57 -10.38
CA HIS A 208 -17.60 7.60 -10.20
C HIS A 208 -16.94 8.05 -11.48
N LEU A 209 -17.32 7.47 -12.63
CA LEU A 209 -16.70 7.89 -13.88
C LEU A 209 -17.00 9.36 -14.14
N GLY A 210 -15.94 10.14 -14.41
CA GLY A 210 -16.06 11.55 -14.73
C GLY A 210 -16.28 12.47 -13.54
N ILE A 211 -16.28 11.93 -12.32
CA ILE A 211 -16.73 12.71 -11.15
C ILE A 211 -15.84 13.92 -10.85
N PHE A 212 -14.55 13.84 -11.23
CA PHE A 212 -13.59 14.92 -10.99
C PHE A 212 -13.20 15.66 -12.26
N ASN A 213 -14.00 15.55 -13.31
CA ASN A 213 -13.63 16.13 -14.59
C ASN A 213 -13.49 17.64 -14.54
N ASN A 214 -14.23 18.29 -13.65
CA ASN A 214 -14.24 19.75 -13.43
C ASN A 214 -13.60 20.15 -12.11
N THR A 215 -12.74 19.28 -11.56
CA THR A 215 -12.01 19.54 -10.32
C THR A 215 -10.53 19.71 -10.66
N ILE A 216 -9.92 20.76 -10.11
CA ILE A 216 -8.48 20.98 -10.23
C ILE A 216 -7.88 20.72 -8.85
N PHE A 217 -6.92 19.80 -8.80
CA PHE A 217 -6.22 19.48 -7.57
C PHE A 217 -4.97 20.30 -7.39
N PRO A 218 -4.66 20.66 -6.14
CA PRO A 218 -3.39 21.36 -5.93
C PRO A 218 -2.19 20.48 -6.34
N GLU A 219 -1.17 21.08 -6.94
CA GLU A 219 0.06 20.37 -7.31
C GLU A 219 0.99 20.33 -6.09
N PRO A 220 1.75 19.23 -5.92
CA PRO A 220 2.82 19.31 -4.93
C PRO A 220 3.85 20.33 -5.37
N ALA A 221 4.50 20.98 -4.41
CA ALA A 221 5.46 22.01 -4.74
C ALA A 221 6.65 21.46 -5.52
N ASN A 222 6.93 20.15 -5.36
CA ASN A 222 8.04 19.50 -6.09
C ASN A 222 7.59 18.64 -7.27
N LEU A 223 6.46 18.96 -7.89
CA LEU A 223 6.01 18.28 -9.08
C LEU A 223 7.05 18.34 -10.21
N PHE A 224 7.77 19.47 -10.32
CA PHE A 224 8.79 19.65 -11.38
C PHE A 224 10.23 19.47 -10.89
N ASP A 225 10.42 18.59 -9.94
CA ASP A 225 11.71 18.32 -9.33
C ASP A 225 12.78 18.05 -10.39
N ASP A 226 13.87 18.82 -10.33
CA ASP A 226 15.03 18.60 -11.18
C ASP A 226 16.11 17.76 -10.50
N TYR A 227 15.82 17.28 -9.30
CA TYR A 227 16.68 16.36 -8.54
C TYR A 227 17.96 16.99 -8.01
N GLU A 228 18.03 18.33 -7.98
CA GLU A 228 19.13 18.99 -7.28
C GLU A 228 19.10 18.52 -5.83
N GLY A 229 20.27 18.22 -5.29
CA GLY A 229 20.34 17.74 -3.93
C GLY A 229 20.07 16.26 -3.75
N ARG A 230 19.80 15.52 -4.85
CA ARG A 230 19.63 14.06 -4.79
C ARG A 230 20.74 13.45 -5.58
N GLY A 231 20.85 12.13 -5.54
CA GLY A 231 21.82 11.36 -6.26
C GLY A 231 21.31 10.74 -7.55
N LYS A 232 22.05 9.76 -8.05
CA LYS A 232 21.72 9.13 -9.31
C LYS A 232 20.38 8.38 -9.29
N ALA A 233 19.99 7.81 -8.15
CA ALA A 233 18.77 6.99 -8.14
C ALA A 233 17.52 7.78 -8.53
N ALA A 234 17.37 8.98 -7.96
CA ALA A 234 16.24 9.84 -8.31
C ALA A 234 16.27 10.27 -9.78
N ARG A 235 17.47 10.47 -10.34
CA ARG A 235 17.60 10.94 -11.71
C ARG A 235 17.35 9.83 -12.73
N GLU A 236 17.62 8.58 -12.35
CA GLU A 236 17.67 7.47 -13.27
C GLU A 236 16.45 6.55 -13.24
N GLN A 237 15.45 6.91 -12.43
CA GLN A 237 14.20 6.12 -12.37
C GLN A 237 13.40 6.25 -13.66
N ASP A 238 12.41 5.38 -13.81
CA ASP A 238 11.40 5.45 -14.87
C ASP A 238 9.99 5.34 -14.24
N MET A 239 9.63 6.36 -13.49
CA MET A 239 8.33 6.41 -12.78
C MET A 239 7.81 7.83 -12.73
N SER A 240 7.95 8.55 -13.84
CA SER A 240 7.55 9.95 -13.87
C SER A 240 6.19 10.16 -14.55
N ILE A 241 5.51 11.19 -14.04
CA ILE A 241 4.34 11.81 -14.70
CA ILE A 241 4.34 11.69 -14.77
C ILE A 241 4.78 12.20 -16.15
N GLU A 242 5.93 12.87 -16.22
CA GLU A 242 6.41 13.47 -17.47
C GLU A 242 6.65 12.47 -18.59
N HIS A 243 7.26 11.32 -18.28
CA HIS A 243 7.72 10.37 -19.31
C HIS A 243 7.12 8.97 -19.25
N THR A 244 6.74 8.52 -18.07
CA THR A 244 6.35 7.12 -17.90
C THR A 244 4.86 6.86 -18.10
N LEU A 245 3.99 7.77 -17.64
CA LEU A 245 2.55 7.56 -17.87
C LEU A 245 2.26 7.47 -19.35
N THR A 246 1.50 6.46 -19.77
CA THR A 246 1.19 6.21 -21.16
C THR A 246 -0.12 6.88 -21.56
N ASN A 247 -0.20 7.23 -22.84
CA ASN A 247 -1.40 7.88 -23.34
C ASN A 247 -2.64 6.97 -23.28
N ASP A 248 -2.49 5.66 -23.54
CA ASP A 248 -3.62 4.73 -23.59
C ASP A 248 -3.94 4.11 -22.22
N TRP A 249 -3.07 3.22 -21.76
CA TRP A 249 -3.31 2.51 -20.50
C TRP A 249 -3.54 3.45 -19.33
N ASP A 250 -2.72 4.48 -19.18
CA ASP A 250 -2.84 5.37 -18.04
C ASP A 250 -3.80 6.53 -18.25
N LEU A 251 -3.59 7.28 -19.32
CA LEU A 251 -4.34 8.51 -19.52
C LEU A 251 -5.70 8.32 -20.22
N LYS A 252 -5.95 7.12 -20.75
N LYS A 252 -5.93 7.13 -20.76
CA LYS A 252 -7.27 6.75 -21.28
CA LYS A 252 -7.23 6.74 -21.33
C LYS A 252 -7.57 7.45 -22.62
C LYS A 252 -7.62 7.64 -22.50
N LEU A 253 -6.53 7.83 -23.37
N LEU A 253 -6.67 7.83 -23.40
CA LEU A 253 -6.70 8.67 -24.59
CA LEU A 253 -6.86 8.79 -24.50
C LEU A 253 -6.97 7.90 -25.86
C LEU A 253 -7.35 8.20 -25.83
N LEU A 254 -7.94 7.00 -25.82
CA LEU A 254 -8.41 6.34 -27.03
C LEU A 254 -9.92 6.32 -27.02
N THR A 255 -10.50 6.60 -28.19
CA THR A 255 -11.94 6.44 -28.37
C THR A 255 -12.27 4.97 -28.57
N ARG A 256 -13.55 4.63 -28.45
CA ARG A 256 -13.98 3.27 -28.73
C ARG A 256 -13.59 2.87 -30.18
N GLU A 257 -13.82 3.77 -31.14
CA GLU A 257 -13.48 3.49 -32.54
C GLU A 257 -12.00 3.14 -32.69
N GLU A 258 -11.15 3.89 -32.00
CA GLU A 258 -9.71 3.64 -32.04
C GLU A 258 -9.34 2.28 -31.43
N MET A 259 -9.98 1.92 -30.32
CA MET A 259 -9.71 0.62 -29.71
C MET A 259 -10.21 -0.55 -30.56
N LEU A 260 -11.38 -0.40 -31.18
CA LEU A 260 -11.93 -1.51 -31.96
C LEU A 260 -11.13 -1.82 -33.23
N LYS A 261 -10.36 -0.85 -33.73
CA LYS A 261 -9.45 -1.04 -34.87
C LYS A 261 -8.20 -1.85 -34.50
N ASP A 262 -7.86 -1.91 -33.21
CA ASP A 262 -6.74 -2.72 -32.76
C ASP A 262 -7.05 -3.34 -31.42
N THR A 263 -7.67 -4.51 -31.46
CA THR A 263 -8.18 -5.16 -30.26
C THR A 263 -7.09 -5.82 -29.39
N THR A 264 -5.83 -5.81 -29.85
CA THR A 264 -4.69 -6.19 -29.02
C THR A 264 -4.25 -5.06 -28.09
N ASN A 265 -4.78 -3.86 -28.28
CA ASN A 265 -4.43 -2.74 -27.44
C ASN A 265 -4.69 -3.02 -25.95
N ARG A 266 -3.73 -2.62 -25.10
CA ARG A 266 -3.84 -3.00 -23.68
C ARG A 266 -4.98 -2.26 -22.97
N LEU A 267 -5.22 -1.00 -23.31
CA LEU A 267 -6.39 -0.33 -22.76
C LEU A 267 -7.66 -1.08 -23.14
N TYR A 268 -7.77 -1.48 -24.41
CA TYR A 268 -8.95 -2.20 -24.83
C TYR A 268 -9.13 -3.50 -24.04
N SER A 269 -8.03 -4.19 -23.71
CA SER A 269 -8.11 -5.43 -22.97
C SER A 269 -8.86 -5.30 -21.63
N VAL A 270 -8.80 -4.13 -21.01
CA VAL A 270 -9.49 -3.93 -19.75
C VAL A 270 -10.83 -3.20 -19.91
N TYR A 271 -10.91 -2.26 -20.87
CA TYR A 271 -12.16 -1.58 -21.23
C TYR A 271 -13.23 -2.58 -21.68
N LYS A 272 -12.83 -3.60 -22.42
CA LYS A 272 -13.80 -4.54 -23.00
C LYS A 272 -14.48 -5.40 -21.93
N ARG A 273 -13.93 -5.42 -20.71
CA ARG A 273 -14.49 -6.17 -19.60
C ARG A 273 -15.69 -5.45 -18.97
N MET A 274 -15.86 -4.15 -19.28
CA MET A 274 -16.93 -3.38 -18.68
C MET A 274 -18.23 -3.64 -19.48
N PRO A 275 -19.38 -3.63 -18.81
CA PRO A 275 -20.65 -3.77 -19.55
C PRO A 275 -20.87 -2.65 -20.52
N SER A 276 -21.74 -2.89 -21.50
CA SER A 276 -21.99 -1.87 -22.53
C SER A 276 -22.37 -0.50 -21.99
N GLU A 277 -23.25 -0.47 -20.98
CA GLU A 277 -23.69 0.81 -20.41
C GLU A 277 -22.55 1.54 -19.71
N VAL A 278 -21.60 0.76 -19.16
CA VAL A 278 -20.42 1.37 -18.53
C VAL A 278 -19.41 1.88 -19.57
N GLN A 279 -19.23 1.13 -20.67
CA GLN A 279 -18.46 1.62 -21.80
C GLN A 279 -19.00 2.95 -22.31
N ASP A 280 -20.34 3.06 -22.40
CA ASP A 280 -20.95 4.31 -22.85
C ASP A 280 -20.62 5.45 -21.90
N LYS A 281 -20.73 5.17 -20.60
CA LYS A 281 -20.44 6.21 -19.62
C LYS A 281 -18.95 6.61 -19.63
N TRP A 282 -18.08 5.61 -19.79
CA TRP A 282 -16.63 5.84 -19.89
C TRP A 282 -16.32 6.78 -21.07
N ASP A 283 -16.92 6.48 -22.22
CA ASP A 283 -16.66 7.29 -23.41
C ASP A 283 -17.11 8.73 -23.18
N SER A 284 -18.27 8.91 -22.55
CA SER A 284 -18.73 10.27 -22.21
C SER A 284 -17.81 10.97 -21.20
N ALA A 285 -17.32 10.19 -20.22
CA ALA A 285 -16.47 10.72 -19.18
C ALA A 285 -15.10 11.15 -19.68
N TYR A 286 -14.58 10.47 -20.69
CA TYR A 286 -13.23 10.78 -21.20
C TYR A 286 -13.18 11.61 -22.48
N ALA A 287 -14.36 11.99 -22.99
CA ALA A 287 -14.40 12.76 -24.24
C ALA A 287 -13.70 14.12 -24.11
N GLN A 288 -13.91 14.83 -23.01
CA GLN A 288 -13.26 16.11 -22.77
C GLN A 288 -11.73 15.95 -22.77
N ARG A 289 -11.23 14.97 -22.02
CA ARG A 289 -9.80 14.73 -21.93
C ARG A 289 -9.18 14.44 -23.29
N ILE A 290 -9.86 13.60 -24.07
CA ILE A 290 -9.39 13.25 -25.41
C ILE A 290 -9.34 14.49 -26.30
N ALA A 291 -10.37 15.32 -26.22
CA ALA A 291 -10.40 16.56 -27.04
C ALA A 291 -9.28 17.53 -26.63
N GLU A 292 -9.02 17.64 -25.33
CA GLU A 292 -7.91 18.47 -24.86
C GLU A 292 -6.56 17.97 -25.38
N TYR A 293 -6.36 16.65 -25.37
CA TYR A 293 -5.11 16.10 -25.90
C TYR A 293 -5.01 16.33 -27.41
N ARG A 294 -6.09 16.10 -28.14
CA ARG A 294 -6.07 16.18 -29.60
C ARG A 294 -5.92 17.61 -30.13
N LYS A 295 -6.22 18.61 -29.31
CA LYS A 295 -6.02 20.01 -29.71
C LYS A 295 -4.54 20.30 -30.04
N GLY A 296 -3.63 19.55 -29.42
CA GLY A 296 -2.21 19.57 -29.78
C GLY A 296 -1.42 20.77 -29.27
N ASP A 297 -2.01 21.53 -28.34
CA ASP A 297 -1.37 22.73 -27.80
C ASP A 297 -0.58 22.52 -26.51
N LEU A 298 -0.80 21.38 -25.84
CA LEU A 298 -0.12 21.08 -24.59
C LEU A 298 1.31 20.56 -24.84
N LYS A 299 2.30 21.24 -24.26
CA LYS A 299 3.72 20.86 -24.38
C LYS A 299 4.45 21.21 -23.09
N GLY A 300 5.60 20.57 -22.85
CA GLY A 300 6.48 20.94 -21.73
C GLY A 300 5.86 20.89 -20.35
N LYS A 301 6.12 21.92 -19.53
CA LYS A 301 5.58 22.01 -18.16
C LYS A 301 4.06 22.00 -18.15
N ALA A 302 3.43 22.66 -19.13
CA ALA A 302 1.96 22.69 -19.19
C ALA A 302 1.39 21.30 -19.41
N LEU A 303 2.06 20.49 -20.22
CA LEU A 303 1.64 19.12 -20.48
C LEU A 303 1.81 18.28 -19.20
N ILE A 304 2.91 18.47 -18.48
CA ILE A 304 3.13 17.73 -17.22
C ILE A 304 2.01 18.09 -16.24
N SER A 305 1.70 19.39 -16.09
CA SER A 305 0.63 19.80 -15.22
C SER A 305 -0.71 19.19 -15.62
N TRP A 306 -0.98 19.14 -16.92
CA TRP A 306 -2.21 18.53 -17.41
C TRP A 306 -2.24 17.03 -17.10
N LYS A 307 -1.13 16.33 -17.36
CA LYS A 307 -1.06 14.90 -17.05
C LYS A 307 -1.29 14.64 -15.56
N TYR A 308 -0.71 15.46 -14.71
CA TYR A 308 -0.91 15.39 -13.27
C TYR A 308 -2.40 15.45 -12.92
N GLN A 309 -3.14 16.40 -13.50
CA GLN A 309 -4.56 16.48 -13.19
C GLN A 309 -5.29 15.22 -13.63
N GLN A 310 -5.00 14.69 -14.82
CA GLN A 310 -5.70 13.51 -15.30
C GLN A 310 -5.44 12.29 -14.37
N TYR A 311 -4.17 12.12 -14.01
CA TYR A 311 -3.72 11.08 -13.07
C TYR A 311 -4.47 11.21 -11.75
N MET A 312 -4.47 12.40 -11.14
CA MET A 312 -5.13 12.57 -9.88
CA MET A 312 -5.16 12.62 -9.86
C MET A 312 -6.64 12.33 -9.96
N ARG A 313 -7.26 12.80 -11.03
CA ARG A 313 -8.70 12.60 -11.20
C ARG A 313 -9.02 11.08 -11.22
N ASP A 314 -8.22 10.30 -11.95
CA ASP A 314 -8.49 8.87 -12.02
C ASP A 314 -8.12 8.13 -10.71
N TYR A 315 -6.96 8.46 -10.16
CA TYR A 315 -6.56 7.84 -8.88
C TYR A 315 -7.58 8.10 -7.79
N LEU A 316 -7.92 9.37 -7.61
CA LEU A 316 -8.82 9.76 -6.53
C LEU A 316 -10.25 9.25 -6.76
N ALA A 317 -10.72 9.28 -8.01
CA ALA A 317 -12.03 8.69 -8.28
C ALA A 317 -12.08 7.20 -7.91
N THR A 318 -10.96 6.51 -8.13
CA THR A 318 -10.86 5.09 -7.78
C THR A 318 -10.87 4.90 -6.23
N VAL A 319 -10.20 5.80 -5.50
CA VAL A 319 -10.25 5.78 -4.05
C VAL A 319 -11.68 5.90 -3.50
N LEU A 320 -12.52 6.70 -4.16
CA LEU A 320 -13.88 6.92 -3.61
C LEU A 320 -14.60 5.62 -3.30
N ALA A 321 -14.54 4.66 -4.21
CA ALA A 321 -15.28 3.40 -3.98
C ALA A 321 -14.67 2.61 -2.83
N VAL A 322 -13.36 2.74 -2.61
CA VAL A 322 -12.75 2.06 -1.47
C VAL A 322 -13.37 2.56 -0.17
N ASP A 323 -13.44 3.89 0.00
CA ASP A 323 -13.98 4.40 1.26
C ASP A 323 -15.45 4.05 1.46
N GLU A 324 -16.21 4.10 0.36
CA GLU A 324 -17.63 3.72 0.47
C GLU A 324 -17.79 2.29 0.99
N ASN A 325 -16.97 1.40 0.44
CA ASN A 325 -17.04 -0.01 0.78
C ASN A 325 -16.57 -0.29 2.20
N ILE A 326 -15.58 0.46 2.69
CA ILE A 326 -15.19 0.39 4.12
CA ILE A 326 -15.23 0.36 4.12
C ILE A 326 -16.44 0.72 4.98
N GLY A 327 -17.16 1.77 4.61
CA GLY A 327 -18.42 2.11 5.28
C GLY A 327 -19.39 0.95 5.33
N ARG A 328 -19.56 0.27 4.20
CA ARG A 328 -20.48 -0.87 4.16
C ARG A 328 -20.08 -1.95 5.16
N LEU A 329 -18.79 -2.24 5.28
CA LEU A 329 -18.30 -3.23 6.24
C LEU A 329 -18.48 -2.75 7.69
N LEU A 330 -18.19 -1.49 7.99
CA LEU A 330 -18.40 -0.97 9.35
C LEU A 330 -19.87 -1.05 9.73
N ASN A 331 -20.73 -0.73 8.77
CA ASN A 331 -22.18 -0.72 9.05
C ASN A 331 -22.68 -2.15 9.23
N TYR A 332 -22.17 -3.08 8.42
CA TYR A 332 -22.54 -4.50 8.55
C TYR A 332 -22.12 -5.03 9.91
N LEU A 333 -20.88 -4.77 10.32
CA LEU A 333 -20.41 -5.22 11.63
C LEU A 333 -21.25 -4.67 12.77
N GLU A 334 -21.64 -3.40 12.68
CA GLU A 334 -22.51 -2.82 13.69
C GLU A 334 -23.86 -3.51 13.72
N LYS A 335 -24.44 -3.76 12.54
CA LYS A 335 -25.74 -4.40 12.43
C LYS A 335 -25.79 -5.79 13.08
N ILE A 336 -24.70 -6.54 12.98
CA ILE A 336 -24.62 -7.88 13.58
C ILE A 336 -24.03 -7.89 14.99
N GLY A 337 -23.78 -6.71 15.56
CA GLY A 337 -23.34 -6.60 16.93
C GLY A 337 -21.90 -7.01 17.17
N GLU A 338 -21.05 -6.92 16.15
CA GLU A 338 -19.66 -7.37 16.28
C GLU A 338 -18.62 -6.25 16.14
N LEU A 339 -19.05 -5.02 15.95
CA LEU A 339 -18.11 -3.92 15.68
C LEU A 339 -17.11 -3.78 16.84
N ASP A 340 -17.60 -3.66 18.07
CA ASP A 340 -16.72 -3.44 19.21
C ASP A 340 -15.90 -4.66 19.59
N ASN A 341 -16.35 -5.86 19.23
CA ASN A 341 -15.63 -7.11 19.53
C ASN A 341 -14.65 -7.48 18.41
N THR A 342 -14.41 -6.56 17.48
CA THR A 342 -13.53 -6.83 16.33
C THR A 342 -12.43 -5.78 16.28
N ILE A 343 -11.19 -6.25 16.18
CA ILE A 343 -10.05 -5.37 15.91
C ILE A 343 -10.09 -5.03 14.42
N ILE A 344 -10.30 -3.76 14.13
CA ILE A 344 -10.49 -3.26 12.74
C ILE A 344 -9.23 -2.49 12.38
N VAL A 345 -8.52 -2.98 11.36
CA VAL A 345 -7.30 -2.33 10.88
C VAL A 345 -7.48 -1.88 9.44
N TYR A 346 -7.04 -0.65 9.13
CA TYR A 346 -6.94 -0.20 7.75
C TYR A 346 -5.51 0.24 7.45
N THR A 347 -4.99 -0.24 6.33
CA THR A 347 -3.65 0.08 5.86
C THR A 347 -3.60 -0.03 4.34
N SER A 348 -2.41 0.21 3.77
CA SER A 348 -2.14 0.01 2.34
C SER A 348 -0.81 -0.74 2.23
N ASP A 349 -0.66 -1.58 1.22
CA ASP A 349 0.55 -2.42 1.10
C ASP A 349 1.84 -1.59 1.16
N GLN A 350 1.82 -0.44 0.49
CA GLN A 350 2.79 0.63 0.72
C GLN A 350 2.06 1.95 0.48
N GLY A 351 2.75 3.07 0.68
CA GLY A 351 2.24 4.35 0.21
C GLY A 351 2.52 4.52 -1.28
N PHE A 352 2.43 5.77 -1.75
CA PHE A 352 2.40 6.03 -3.19
C PHE A 352 2.74 7.47 -3.45
N PHE A 353 3.49 7.72 -4.53
CA PHE A 353 3.73 9.11 -4.95
C PHE A 353 2.52 9.61 -5.76
N LEU A 354 2.01 10.77 -5.32
CA LEU A 354 0.94 11.50 -6.00
C LEU A 354 1.55 12.75 -6.62
N GLY A 355 2.55 12.55 -7.47
CA GLY A 355 3.26 13.63 -8.13
C GLY A 355 4.41 14.22 -7.39
N GLU A 356 4.63 13.86 -6.12
CA GLU A 356 5.81 14.39 -5.41
C GLU A 356 7.06 13.91 -6.14
N HIS A 357 8.03 14.83 -6.29
CA HIS A 357 9.27 14.58 -7.03
C HIS A 357 9.02 14.28 -8.50
N GLY A 358 7.82 14.57 -9.00
CA GLY A 358 7.43 14.27 -10.36
C GLY A 358 6.98 12.83 -10.61
N TRP A 359 6.75 12.07 -9.53
CA TRP A 359 6.57 10.62 -9.68
C TRP A 359 5.16 10.10 -9.37
N PHE A 360 4.93 8.90 -9.86
CA PHE A 360 3.93 7.97 -9.30
C PHE A 360 4.68 6.72 -8.83
N ASP A 361 3.97 5.75 -8.23
CA ASP A 361 4.57 4.46 -7.81
C ASP A 361 5.21 4.53 -6.44
N LYS A 362 6.15 3.63 -6.14
CA LYS A 362 6.57 3.38 -4.76
C LYS A 362 8.07 3.02 -4.79
N ARG A 363 8.48 1.92 -4.17
CA ARG A 363 9.84 1.35 -4.30
C ARG A 363 10.92 2.08 -3.51
N PHE A 364 11.02 3.38 -3.71
CA PHE A 364 12.00 4.17 -2.95
C PHE A 364 11.69 4.18 -1.46
N MET A 365 12.73 4.37 -0.66
CA MET A 365 12.59 4.56 0.77
C MET A 365 12.10 5.97 1.13
N TYR A 366 11.81 6.83 0.16
CA TYR A 366 11.31 8.17 0.46
C TYR A 366 9.93 8.11 1.13
N GLU A 367 9.61 9.16 1.88
CA GLU A 367 8.57 9.08 2.90
C GLU A 367 7.17 8.82 2.36
N GLU A 368 6.82 9.36 1.19
CA GLU A 368 5.45 9.20 0.67
C GLU A 368 5.04 7.76 0.51
N CYS A 369 6.00 6.92 0.06
CA CYS A 369 5.69 5.53 -0.20
C CYS A 369 6.23 4.57 0.84
N GLN A 370 7.29 4.95 1.57
CA GLN A 370 7.78 4.08 2.66
C GLN A 370 6.72 4.04 3.78
N ARG A 371 6.07 5.17 4.02
CA ARG A 371 5.10 5.26 5.11
C ARG A 371 3.76 4.67 4.70
N MET A 372 3.28 3.72 5.49
CA MET A 372 1.95 3.13 5.29
C MET A 372 0.95 3.87 6.17
N PRO A 373 -0.27 4.15 5.68
CA PRO A 373 -1.33 4.49 6.63
C PRO A 373 -1.50 3.32 7.60
N LEU A 374 -1.85 3.61 8.82
CA LEU A 374 -2.21 2.56 9.78
C LEU A 374 -3.15 3.17 10.81
N ILE A 375 -4.41 2.73 10.73
CA ILE A 375 -5.44 3.18 11.66
C ILE A 375 -6.12 1.95 12.21
N ILE A 376 -6.41 1.97 13.52
CA ILE A 376 -6.92 0.76 14.18
C ILE A 376 -8.01 1.16 15.19
N ARG A 377 -9.13 0.42 15.17
CA ARG A 377 -10.26 0.62 16.11
C ARG A 377 -10.48 -0.67 16.91
N TYR A 378 -10.48 -0.53 18.24
CA TYR A 378 -10.83 -1.63 19.14
C TYR A 378 -11.07 -1.04 20.53
N PRO A 379 -12.34 -0.65 20.84
CA PRO A 379 -12.56 0.22 22.01
C PRO A 379 -12.14 -0.32 23.35
N LYS A 380 -12.18 -1.64 23.52
CA LYS A 380 -11.68 -2.30 24.77
C LYS A 380 -10.25 -1.90 25.12
N ALA A 381 -9.40 -1.76 24.11
CA ALA A 381 -7.98 -1.54 24.29
C ALA A 381 -7.51 -0.13 23.93
N ILE A 382 -8.14 0.51 22.96
CA ILE A 382 -7.60 1.70 22.31
C ILE A 382 -8.48 2.92 22.56
N LYS A 383 -7.95 3.95 23.23
CA LYS A 383 -8.68 5.20 23.46
C LYS A 383 -8.97 5.89 22.14
N ALA A 384 -10.23 6.27 21.91
CA ALA A 384 -10.62 6.95 20.69
C ALA A 384 -9.91 8.28 20.54
N GLY A 385 -9.48 8.56 19.31
CA GLY A 385 -8.80 9.80 18.96
C GLY A 385 -7.32 9.84 19.32
N SER A 386 -6.76 8.69 19.66
CA SER A 386 -5.33 8.55 19.97
CA SER A 386 -5.33 8.65 19.96
C SER A 386 -4.48 8.69 18.68
N THR A 387 -3.24 9.09 18.88
CA THR A 387 -2.26 9.09 17.82
C THR A 387 -1.00 8.51 18.37
N SER A 388 -0.13 8.04 17.47
CA SER A 388 1.17 7.51 17.87
C SER A 388 2.29 7.89 16.92
N SER A 389 3.44 8.22 17.48
CA SER A 389 4.67 8.40 16.72
C SER A 389 5.63 7.22 16.91
N ALA A 390 5.18 6.14 17.55
CA ALA A 390 6.03 4.97 17.73
C ALA A 390 6.39 4.39 16.38
N ILE A 391 7.68 4.20 16.14
CA ILE A 391 8.15 3.74 14.82
C ILE A 391 7.75 2.29 14.66
N SER A 392 6.86 2.05 13.69
CA SER A 392 6.20 0.78 13.53
C SER A 392 6.48 0.29 12.10
N MET A 393 6.32 -1.02 11.89
CA MET A 393 6.60 -1.63 10.59
C MET A 393 5.56 -2.66 10.28
N ASN A 394 5.43 -3.00 9.00
CA ASN A 394 4.49 -4.03 8.60
C ASN A 394 4.80 -5.41 9.16
N VAL A 395 6.04 -5.64 9.58
CA VAL A 395 6.38 -6.86 10.32
C VAL A 395 5.77 -6.96 11.73
N ASP A 396 5.16 -5.87 12.18
CA ASP A 396 4.53 -5.83 13.51
C ASP A 396 3.09 -6.32 13.52
N PHE A 397 2.47 -6.45 12.36
CA PHE A 397 1.03 -6.76 12.34
C PHE A 397 0.78 -8.18 12.87
N ALA A 398 1.57 -9.14 12.39
CA ALA A 398 1.43 -10.53 12.83
C ALA A 398 1.53 -10.71 14.35
N PRO A 399 2.60 -10.22 15.00
CA PRO A 399 2.66 -10.43 16.45
C PRO A 399 1.57 -9.67 17.19
N THR A 400 1.11 -8.54 16.67
CA THR A 400 0.02 -7.81 17.31
C THR A 400 -1.25 -8.67 17.31
N PHE A 401 -1.57 -9.27 16.18
CA PHE A 401 -2.77 -10.12 16.09
C PHE A 401 -2.66 -11.37 16.96
N LEU A 402 -1.49 -12.00 16.99
CA LEU A 402 -1.31 -13.18 17.83
C LEU A 402 -1.47 -12.78 19.30
N ASP A 403 -0.89 -11.65 19.71
CA ASP A 403 -0.95 -11.20 21.11
C ASP A 403 -2.41 -11.01 21.52
N PHE A 404 -3.21 -10.29 20.73
CA PHE A 404 -4.61 -10.05 21.08
C PHE A 404 -5.44 -11.32 21.03
N ALA A 405 -5.04 -12.30 20.23
CA ALA A 405 -5.74 -13.58 20.16
C ALA A 405 -5.32 -14.54 21.29
N GLY A 406 -4.36 -14.14 22.11
CA GLY A 406 -3.88 -14.98 23.22
C GLY A 406 -2.97 -16.12 22.81
N VAL A 407 -2.37 -16.00 21.63
CA VAL A 407 -1.45 -16.98 21.09
C VAL A 407 -0.03 -16.53 21.41
N GLU A 408 0.81 -17.45 21.90
CA GLU A 408 2.22 -17.18 22.14
C GLU A 408 2.88 -16.72 20.85
N VAL A 409 3.61 -15.62 20.90
CA VAL A 409 4.28 -15.10 19.69
C VAL A 409 5.59 -15.90 19.51
N PRO A 410 5.71 -16.66 18.41
CA PRO A 410 6.93 -17.43 18.17
C PRO A 410 8.19 -16.56 18.02
N SER A 411 9.35 -17.10 18.42
CA SER A 411 10.59 -16.37 18.50
C SER A 411 11.15 -15.88 17.18
N ASP A 412 10.79 -16.57 16.10
CA ASP A 412 11.30 -16.23 14.79
C ASP A 412 10.60 -15.02 14.16
N ILE A 413 9.47 -14.59 14.71
CA ILE A 413 8.88 -13.31 14.25
C ILE A 413 9.82 -12.18 14.63
N GLN A 414 10.06 -11.28 13.67
CA GLN A 414 11.04 -10.21 13.81
C GLN A 414 10.44 -8.89 14.23
N GLY A 415 9.17 -8.66 13.91
CA GLY A 415 8.46 -7.49 14.43
C GLY A 415 8.08 -7.65 15.88
N ALA A 416 7.33 -6.67 16.38
CA ALA A 416 6.92 -6.60 17.79
C ALA A 416 5.44 -6.33 17.87
N SER A 417 4.78 -6.90 18.86
CA SER A 417 3.40 -6.56 19.13
C SER A 417 3.26 -5.07 19.40
N LEU A 418 2.26 -4.45 18.80
CA LEU A 418 1.92 -3.06 19.05
C LEU A 418 1.02 -2.88 20.29
N LYS A 419 0.64 -3.98 20.95
CA LYS A 419 -0.26 -3.85 22.12
C LYS A 419 0.17 -2.81 23.18
N PRO A 420 1.47 -2.76 23.58
CA PRO A 420 1.82 -1.75 24.59
C PRO A 420 1.63 -0.30 24.15
N VAL A 421 1.74 -0.05 22.85
CA VAL A 421 1.48 1.25 22.27
C VAL A 421 -0.03 1.53 22.27
N LEU A 422 -0.76 0.56 21.74
CA LEU A 422 -2.22 0.67 21.59
C LEU A 422 -2.94 0.89 22.92
N GLU A 423 -2.46 0.23 23.96
CA GLU A 423 -3.11 0.24 25.28
C GLU A 423 -2.71 1.41 26.14
N ASN A 424 -1.82 2.27 25.68
CA ASN A 424 -1.39 3.46 26.42
C ASN A 424 -1.51 4.72 25.57
N GLU A 425 -2.64 4.85 24.90
CA GLU A 425 -3.00 6.08 24.18
C GLU A 425 -1.96 6.45 23.14
N GLY A 426 -1.31 5.44 22.57
CA GLY A 426 -0.33 5.68 21.52
C GLY A 426 1.05 6.05 22.00
N LYS A 427 1.29 6.17 23.31
CA LYS A 427 2.61 6.56 23.79
C LYS A 427 3.68 5.54 23.40
N THR A 428 4.86 6.04 23.13
CA THR A 428 5.99 5.20 22.77
C THR A 428 6.69 4.63 24.02
N PRO A 429 6.73 3.29 24.19
CA PRO A 429 7.46 2.73 25.34
C PRO A 429 8.93 3.13 25.36
N ALA A 430 9.52 3.16 26.55
CA ALA A 430 10.93 3.48 26.67
C ALA A 430 11.82 2.48 25.92
N ASP A 431 11.41 1.20 25.88
CA ASP A 431 12.21 0.17 25.19
C ASP A 431 11.94 0.11 23.67
N TRP A 432 11.12 1.01 23.14
CA TRP A 432 10.72 0.87 21.73
C TRP A 432 11.91 1.09 20.83
N ARG A 433 11.89 0.41 19.69
CA ARG A 433 12.94 0.54 18.71
C ARG A 433 13.18 1.98 18.30
N LYS A 434 14.40 2.25 17.91
CA LYS A 434 14.78 3.61 17.51
C LYS A 434 14.86 3.82 16.01
N ALA A 435 14.60 2.78 15.21
CA ALA A 435 14.65 2.89 13.75
C ALA A 435 13.74 1.88 13.11
N ALA A 436 13.18 2.27 11.97
CA ALA A 436 12.60 1.32 11.02
C ALA A 436 13.70 0.92 10.05
N TYR A 437 13.73 -0.36 9.67
CA TYR A 437 14.69 -0.87 8.69
C TYR A 437 13.99 -1.10 7.36
N TYR A 438 14.72 -0.88 6.28
CA TYR A 438 14.17 -0.94 4.93
C TYR A 438 15.19 -1.64 4.03
N HIS A 439 14.72 -2.53 3.15
CA HIS A 439 15.58 -3.11 2.11
C HIS A 439 14.72 -3.46 0.90
N TYR A 440 15.02 -2.80 -0.22
CA TYR A 440 14.36 -2.94 -1.50
C TYR A 440 15.34 -3.59 -2.50
N TYR A 441 14.82 -4.56 -3.26
CA TYR A 441 15.66 -5.46 -4.11
C TYR A 441 15.37 -5.40 -5.60
N GLU A 442 14.21 -4.89 -6.01
CA GLU A 442 13.74 -5.20 -7.37
C GLU A 442 14.36 -4.26 -8.41
N TYR A 443 15.52 -4.68 -8.91
CA TYR A 443 16.30 -3.91 -9.91
C TYR A 443 17.36 -4.83 -10.47
N PRO A 444 17.65 -4.83 -11.77
CA PRO A 444 16.91 -4.15 -12.84
C PRO A 444 15.48 -4.66 -12.93
N ALA A 445 14.53 -3.77 -13.20
CA ALA A 445 13.12 -4.15 -13.24
C ALA A 445 12.31 -2.97 -13.69
N GLU A 446 10.97 -3.16 -13.73
CA GLU A 446 10.08 -2.09 -14.03
C GLU A 446 10.32 -0.89 -13.08
N HIS A 447 10.27 0.30 -13.62
CA HIS A 447 10.47 1.58 -12.94
C HIS A 447 11.90 1.92 -12.57
N SER A 448 12.83 0.98 -12.74
CA SER A 448 14.27 1.25 -12.65
C SER A 448 14.69 2.00 -11.37
N VAL A 449 14.24 1.47 -10.23
CA VAL A 449 14.62 1.98 -8.91
C VAL A 449 15.75 1.12 -8.38
N LYS A 450 16.88 1.74 -8.07
CA LYS A 450 18.08 1.01 -7.68
C LYS A 450 17.84 0.25 -6.37
N ARG A 451 18.56 -0.87 -6.18
CA ARG A 451 18.47 -1.59 -4.90
C ARG A 451 19.04 -0.72 -3.79
N HIS A 452 18.40 -0.75 -2.61
CA HIS A 452 18.87 0.06 -1.49
C HIS A 452 18.35 -0.44 -0.19
N TYR A 453 19.05 -0.06 0.88
CA TYR A 453 18.60 -0.35 2.24
C TYR A 453 18.86 0.91 3.09
N GLY A 454 18.27 0.94 4.29
CA GLY A 454 18.47 2.11 5.14
C GLY A 454 17.71 2.02 6.43
N ILE A 455 17.86 3.07 7.25
CA ILE A 455 17.06 3.25 8.46
C ILE A 455 16.36 4.60 8.45
N ARG A 456 15.17 4.61 9.08
CA ARG A 456 14.41 5.84 9.41
C ARG A 456 14.33 5.89 10.92
N THR A 457 14.94 6.90 11.54
CA THR A 457 14.82 7.15 12.97
C THR A 457 13.67 8.15 13.15
N GLN A 458 13.48 8.65 14.35
CA GLN A 458 12.39 9.59 14.57
C GLN A 458 12.56 10.85 13.70
N ASP A 459 13.80 11.30 13.53
CA ASP A 459 14.10 12.58 12.90
C ASP A 459 15.01 12.54 11.68
N PHE A 460 15.57 11.37 11.36
CA PHE A 460 16.54 11.27 10.25
C PHE A 460 16.27 10.04 9.40
N LYS A 461 16.85 10.06 8.20
CA LYS A 461 16.81 8.91 7.30
C LYS A 461 18.20 8.77 6.69
N LEU A 462 18.69 7.53 6.64
CA LEU A 462 20.00 7.19 6.04
C LEU A 462 19.77 6.05 5.07
N ILE A 463 20.23 6.22 3.83
CA ILE A 463 19.95 5.30 2.72
C ILE A 463 21.28 4.96 2.03
N HIS A 464 21.46 3.68 1.69
CA HIS A 464 22.55 3.26 0.79
C HIS A 464 21.96 2.60 -0.44
N PHE A 465 22.13 3.25 -1.58
CA PHE A 465 21.87 2.64 -2.90
C PHE A 465 23.11 1.86 -3.31
N TYR A 466 22.99 0.55 -3.53
CA TYR A 466 24.17 -0.33 -3.70
C TYR A 466 24.22 -1.12 -5.02
N ASN A 467 23.15 -1.13 -5.81
N ASN A 467 23.17 -1.08 -5.83
CA ASN A 467 23.16 -1.84 -7.10
CA ASN A 467 23.19 -1.79 -7.11
C ASN A 467 22.20 -1.08 -8.02
C ASN A 467 22.20 -1.09 -8.03
N ASP A 468 22.62 -0.46 -9.12
CA ASP A 468 23.95 -0.58 -9.79
C ASP A 468 24.76 0.70 -9.66
N ILE A 469 24.55 1.40 -8.54
CA ILE A 469 25.34 2.54 -8.11
C ILE A 469 25.75 2.28 -6.67
N ASP A 470 26.67 3.10 -6.16
CA ASP A 470 27.13 3.00 -4.77
C ASP A 470 27.07 4.39 -4.22
N GLU A 471 25.93 4.77 -3.64
CA GLU A 471 25.68 6.14 -3.22
C GLU A 471 24.87 6.16 -1.95
N TRP A 472 25.31 6.98 -1.01
CA TRP A 472 24.61 7.23 0.25
C TRP A 472 23.84 8.52 0.21
N GLU A 473 22.67 8.52 0.84
CA GLU A 473 21.86 9.72 1.03
C GLU A 473 21.43 9.80 2.50
N MET A 474 21.23 11.02 2.98
CA MET A 474 20.83 11.28 4.35
CA MET A 474 20.80 11.27 4.34
C MET A 474 19.94 12.51 4.37
N TYR A 475 18.85 12.45 5.15
CA TYR A 475 17.86 13.54 5.21
C TYR A 475 17.54 13.85 6.66
N ASP A 476 17.50 15.17 6.95
CA ASP A 476 17.05 15.69 8.20
C ASP A 476 15.54 15.86 8.03
N MET A 477 14.76 14.94 8.62
CA MET A 477 13.34 14.89 8.31
C MET A 477 12.54 16.04 8.93
N LYS A 478 13.03 16.63 10.01
CA LYS A 478 12.35 17.80 10.60
C LYS A 478 12.61 19.04 9.77
N ALA A 479 13.85 19.26 9.36
CA ALA A 479 14.22 20.43 8.54
C ALA A 479 13.76 20.31 7.07
N ASP A 480 13.69 19.07 6.58
CA ASP A 480 13.54 18.79 5.15
C ASP A 480 12.56 17.64 4.99
N PRO A 481 11.30 17.85 5.40
CA PRO A 481 10.34 16.74 5.38
C PRO A 481 10.02 16.21 3.96
N ARG A 482 10.24 17.03 2.93
CA ARG A 482 10.03 16.63 1.55
C ARG A 482 11.24 15.95 0.91
N GLU A 483 12.32 15.78 1.68
CA GLU A 483 13.51 15.02 1.24
C GLU A 483 14.10 15.57 -0.05
N MET A 484 14.37 16.87 -0.05
CA MET A 484 14.95 17.55 -1.21
C MET A 484 16.45 17.82 -1.11
N ASN A 485 17.03 17.64 0.08
CA ASN A 485 18.40 18.07 0.33
C ASN A 485 19.23 16.96 0.99
N ASN A 486 19.93 16.18 0.17
CA ASN A 486 20.80 15.14 0.68
C ASN A 486 21.95 15.81 1.42
N ILE A 487 22.02 15.57 2.73
N ILE A 487 22.07 15.57 2.71
CA ILE A 487 23.06 16.11 3.63
CA ILE A 487 23.16 16.15 3.49
C ILE A 487 24.19 15.12 3.94
C ILE A 487 24.17 15.11 3.96
N PHE A 488 24.16 13.91 3.35
CA PHE A 488 25.22 12.95 3.56
C PHE A 488 26.56 13.59 3.18
N GLY A 489 27.50 13.51 4.11
CA GLY A 489 28.85 14.03 3.89
C GLY A 489 29.01 15.51 4.19
N LYS A 490 27.93 16.22 4.51
CA LYS A 490 28.05 17.65 4.85
C LYS A 490 28.64 17.76 6.23
N ALA A 491 29.65 18.61 6.38
CA ALA A 491 30.47 18.62 7.60
C ALA A 491 29.67 18.80 8.87
N GLU A 492 28.67 19.67 8.85
CA GLU A 492 27.93 19.95 10.11
C GLU A 492 27.18 18.70 10.64
N TYR A 493 26.94 17.73 9.76
CA TYR A 493 26.26 16.49 10.15
C TYR A 493 27.20 15.32 10.37
N ALA A 494 28.51 15.54 10.47
CA ALA A 494 29.45 14.42 10.56
C ALA A 494 29.20 13.49 11.75
N LYS A 495 28.99 14.09 12.91
CA LYS A 495 28.71 13.33 14.14
C LYS A 495 27.40 12.54 14.02
N LYS A 496 26.35 13.21 13.60
CA LYS A 496 25.06 12.53 13.43
C LYS A 496 25.15 11.39 12.40
N GLN A 497 25.89 11.62 11.32
CA GLN A 497 26.07 10.60 10.29
C GLN A 497 26.75 9.37 10.84
N LYS A 498 27.78 9.56 11.67
CA LYS A 498 28.44 8.42 12.29
C LYS A 498 27.50 7.64 13.21
N GLU A 499 26.68 8.37 13.97
CA GLU A 499 25.74 7.73 14.87
C GLU A 499 24.72 6.91 14.06
N LEU A 500 24.24 7.48 12.96
CA LEU A 500 23.31 6.77 12.10
C LEU A 500 23.93 5.55 11.43
N MET A 501 25.19 5.67 11.00
N MET A 501 25.19 5.66 11.03
CA MET A 501 25.87 4.53 10.41
CA MET A 501 25.98 3.89 10.40
CA MET A 501 25.90 4.50 10.52
C MET A 501 26.02 3.37 11.42
C MET A 501 25.98 3.38 11.58
N GLN A 502 26.32 3.71 12.66
N GLN A 502 26.37 3.68 12.79
CA GLN A 502 26.42 2.72 13.74
CA GLN A 502 26.43 2.67 13.84
C GLN A 502 25.07 2.05 14.04
C GLN A 502 25.05 2.03 14.04
N LEU A 503 24.00 2.85 14.09
CA LEU A 503 22.65 2.31 14.32
C LEU A 503 22.23 1.44 13.13
N LEU A 504 22.60 1.84 11.91
CA LEU A 504 22.28 1.04 10.72
C LEU A 504 22.89 -0.35 10.84
N GLU A 505 24.20 -0.39 11.16
CA GLU A 505 24.88 -1.67 11.27
C GLU A 505 24.28 -2.51 12.38
N GLU A 506 24.00 -1.91 13.53
CA GLU A 506 23.36 -2.65 14.64
C GLU A 506 22.00 -3.23 14.23
N THR A 507 21.25 -2.41 13.50
CA THR A 507 19.89 -2.79 13.06
C THR A 507 19.96 -3.95 12.05
N GLN A 508 20.90 -3.87 11.10
CA GLN A 508 21.11 -4.97 10.17
C GLN A 508 21.46 -6.27 10.89
N LYS A 509 22.33 -6.17 11.89
CA LYS A 509 22.72 -7.37 12.65
C LYS A 509 21.53 -7.93 13.43
N GLN A 510 20.75 -7.07 14.06
CA GLN A 510 19.58 -7.46 14.85
C GLN A 510 18.57 -8.22 14.01
N TYR A 511 18.36 -7.77 12.76
CA TYR A 511 17.42 -8.40 11.84
C TYR A 511 18.04 -9.44 10.94
N LYS A 512 19.32 -9.77 11.16
CA LYS A 512 20.03 -10.84 10.45
C LYS A 512 20.19 -10.57 8.94
N ASP A 513 20.23 -9.29 8.56
CA ASP A 513 20.54 -8.90 7.18
C ASP A 513 22.07 -8.75 7.12
N ASN A 514 22.74 -9.90 7.15
CA ASN A 514 24.21 -9.98 7.29
C ASN A 514 25.03 -9.69 6.05
N ASP A 515 24.37 -9.75 4.89
CA ASP A 515 25.05 -9.49 3.60
C ASP A 515 24.13 -8.53 2.83
N PRO A 516 23.95 -7.32 3.37
CA PRO A 516 22.93 -6.44 2.77
C PRO A 516 23.29 -5.95 1.36
N ASP A 517 24.58 -5.91 1.02
CA ASP A 517 25.01 -5.55 -0.36
C ASP A 517 24.95 -6.70 -1.32
N GLU A 518 24.55 -7.88 -0.83
CA GLU A 518 24.38 -9.08 -1.65
C GLU A 518 25.69 -9.47 -2.38
N LYS A 519 26.82 -9.39 -1.68
CA LYS A 519 28.13 -9.75 -2.24
C LYS A 519 28.49 -11.23 -2.07
N GLU A 520 27.86 -11.92 -1.13
CA GLU A 520 28.32 -13.27 -0.68
C GLU A 520 27.13 -14.20 -0.47
CA CA B . 0.77 -1.92 -4.17
C1 SGN C . 2.50 -3.19 -12.53
C2 SGN C . 2.49 -1.68 -12.82
C3 SGN C . 3.62 -0.95 -12.12
C4 SGN C . 3.67 -1.35 -10.65
C5 SGN C . 3.79 -2.87 -10.57
C6 SGN C . 3.97 -3.42 -9.15
N2 SGN C . 2.56 -1.36 -14.24
O1 SGN C . 3.51 -3.89 -13.22
O3 SGN C . 3.43 0.47 -12.24
O4 SGN C . 4.80 -0.78 -9.98
O5 SGN C . 2.61 -3.46 -11.12
O6 SGN C . 2.92 -2.86 -8.31
S1 SGN C . 1.33 -1.72 -15.23
O1S SGN C . 1.29 -3.12 -15.44
O2S SGN C . 0.15 -1.22 -14.59
O3S SGN C . 1.66 -0.95 -16.52
S2 SGN C . 2.61 -3.67 -6.98
O4S SGN C . 2.02 -4.89 -7.39
O5S SGN C . 1.70 -2.73 -6.24
O6S SGN C . 3.88 -3.84 -6.31
N NO3 D . -21.51 -2.86 17.89
O1 NO3 D . -20.58 -3.31 18.82
O2 NO3 D . -21.86 -3.66 17.04
O3 NO3 D . -21.89 -1.50 17.77
#